data_9KSR
#
_entry.id   9KSR
#
_cell.length_a   79.910
_cell.length_b   119.510
_cell.length_c   47.490
_cell.angle_alpha   90.00
_cell.angle_beta   90.00
_cell.angle_gamma   90.00
#
_symmetry.space_group_name_H-M   'P 21 21 2'
#
loop_
_entity.id
_entity.type
_entity.pdbx_description
1 polymer 'UDP-glycosyltransferase 79B30-like'
2 non-polymer isoquercetin
3 non-polymer "URIDINE-5'-DIPHOSPHATE"
4 water water
#
_entity_poly.entity_id   1
_entity_poly.type   'polypeptide(L)'
_entity_poly.pdbx_seq_one_letter_code
;SSLHIAMFPWFAMGHLIPYLHLSNKLAKRGHKISFFTPKKTQTKLEQFNLYPNLITFYPLNVPHVDGLPFGAETTSDVAI
SLGPILMTAMDQTQNQIELLLTQLKPQIIFFDFVFWLPKITQRLGIKSFLYFIINPATISYTTSPPRMFEAENLTEVDLM
KPPKGYPTSFNLQSHEAKHLASTRKIEFGSGIPFSVRSYNCLSLTDAIGFKGCREIEGPYVDYLQEQFGKPVLLSGPVLP
EQSKTALDEKWGSWLGGFKDGSLVYCALGSELKLKQDQFHELLLGLELTGFPFLAILKPPVGFETIEDALPEGFKERVKE
KGIVHSGWIQQQLILEHPSVGCFVTHCGAGSITEGLVNNCQMVLLPQLNGDYIINARIMGRHLKVGVEVKKGEEDGLFTK
ESVYEAVKIVMDDENEIGREVRSNHTKVRNLLLRHDLESSCLDTFCEKLQELVS
;
_entity_poly.pdbx_strand_id   A
#
# COMPACT_ATOMS: atom_id res chain seq x y z
N SER A 1 -2.62 30.31 8.45
CA SER A 1 -3.74 29.93 9.30
C SER A 1 -3.98 28.41 9.25
N SER A 2 -4.30 27.80 10.38
CA SER A 2 -4.40 26.35 10.41
C SER A 2 -5.72 25.88 9.82
N LEU A 3 -5.66 24.71 9.18
CA LEU A 3 -6.79 24.13 8.45
C LEU A 3 -7.45 23.07 9.32
N HIS A 4 -8.76 22.90 9.12
CA HIS A 4 -9.46 21.76 9.69
C HIS A 4 -9.70 20.76 8.57
N ILE A 5 -9.10 19.59 8.67
CA ILE A 5 -9.13 18.57 7.62
C ILE A 5 -9.78 17.33 8.20
N ALA A 6 -10.79 16.80 7.52
CA ALA A 6 -11.31 15.49 7.85
C ALA A 6 -10.64 14.44 6.97
N MET A 7 -10.44 13.26 7.56
CA MET A 7 -9.78 12.14 6.92
C MET A 7 -10.79 11.00 6.81
N PHE A 8 -11.05 10.52 5.59
CA PHE A 8 -11.98 9.41 5.35
C PHE A 8 -11.33 8.36 4.46
N PRO A 9 -10.35 7.61 4.97
CA PRO A 9 -9.69 6.57 4.17
C PRO A 9 -10.54 5.32 4.00
N TRP A 10 -10.22 4.57 2.93
CA TRP A 10 -10.78 3.24 2.73
C TRP A 10 -10.48 2.36 3.94
N PHE A 11 -11.36 1.38 4.15
CA PHE A 11 -11.34 0.51 5.34
C PHE A 11 -10.28 -0.58 5.15
N ALA A 12 -9.02 -0.18 5.28
CA ALA A 12 -7.89 -1.09 5.09
C ALA A 12 -6.73 -0.54 5.87
N MET A 13 -5.97 -1.42 6.55
CA MET A 13 -4.84 -0.90 7.31
C MET A 13 -3.80 -0.22 6.43
N GLY A 14 -3.66 -0.63 5.17
CA GLY A 14 -2.70 0.04 4.29
C GLY A 14 -3.11 1.44 3.87
N HIS A 15 -4.34 1.82 4.16
CA HIS A 15 -4.78 3.20 3.97
C HIS A 15 -4.87 3.94 5.29
N LEU A 16 -5.39 3.28 6.32
CA LEU A 16 -5.51 3.92 7.63
C LEU A 16 -4.15 4.35 8.16
N ILE A 17 -3.14 3.50 8.04
CA ILE A 17 -1.82 3.78 8.63
C ILE A 17 -1.15 4.98 7.95
N PRO A 18 -1.01 5.03 6.61
CA PRO A 18 -0.38 6.23 6.02
C PRO A 18 -1.22 7.48 6.17
N TYR A 19 -2.56 7.36 6.14
CA TYR A 19 -3.39 8.54 6.45
C TYR A 19 -3.08 9.05 7.84
N LEU A 20 -2.80 8.16 8.78
CA LEU A 20 -2.47 8.58 10.14
C LEU A 20 -1.05 9.12 10.23
N HIS A 21 -0.08 8.50 9.54
CA HIS A 21 1.26 9.10 9.48
C HIS A 21 1.19 10.54 8.98
N LEU A 22 0.45 10.77 7.89
CA LEU A 22 0.33 12.13 7.34
C LEU A 22 -0.44 13.05 8.29
N SER A 23 -1.52 12.55 8.92
CA SER A 23 -2.24 13.33 9.93
C SER A 23 -1.30 13.86 11.02
N ASN A 24 -0.41 13.00 11.53
CA ASN A 24 0.56 13.47 12.51
C ASN A 24 1.41 14.62 11.96
N LYS A 25 1.88 14.51 10.72
CA LYS A 25 2.74 15.55 10.17
C LYS A 25 1.98 16.85 10.00
N LEU A 26 0.71 16.76 9.64
CA LEU A 26 -0.10 17.98 9.49
C LEU A 26 -0.41 18.58 10.85
N ALA A 27 -0.66 17.74 11.85
CA ALA A 27 -0.95 18.27 13.18
C ALA A 27 0.29 18.91 13.79
N LYS A 28 1.48 18.38 13.48
CA LYS A 28 2.71 19.05 13.90
C LYS A 28 2.79 20.47 13.36
N ARG A 29 2.21 20.73 12.19
CA ARG A 29 2.18 22.06 11.62
C ARG A 29 0.99 22.88 12.11
N GLY A 30 0.22 22.38 13.08
CA GLY A 30 -0.87 23.10 13.69
C GLY A 30 -2.26 22.82 13.11
N HIS A 31 -2.37 21.94 12.14
CA HIS A 31 -3.67 21.67 11.53
C HIS A 31 -4.48 20.73 12.42
N LYS A 32 -5.79 20.97 12.47
CA LYS A 32 -6.70 20.13 13.22
C LYS A 32 -7.23 19.02 12.31
N ILE A 33 -7.22 17.78 12.80
CA ILE A 33 -7.58 16.62 12.00
C ILE A 33 -8.77 15.91 12.64
N SER A 34 -9.84 15.73 11.86
CA SER A 34 -10.96 14.88 12.24
C SER A 34 -10.83 13.58 11.47
N PHE A 35 -10.43 12.51 12.19
CA PHE A 35 -10.08 11.23 11.57
C PHE A 35 -11.23 10.24 11.70
N PHE A 36 -11.94 9.98 10.59
CA PHE A 36 -13.04 9.02 10.58
C PHE A 36 -12.50 7.60 10.44
N THR A 37 -12.88 6.71 11.34
CA THR A 37 -12.38 5.34 11.37
C THR A 37 -13.51 4.38 11.73
N PRO A 38 -13.47 3.15 11.21
CA PRO A 38 -14.35 2.10 11.75
C PRO A 38 -14.22 1.97 13.26
N LYS A 39 -15.35 1.70 13.92
CA LYS A 39 -15.46 1.86 15.38
C LYS A 39 -14.47 0.98 16.13
N LYS A 40 -14.51 -0.34 15.89
CA LYS A 40 -13.62 -1.24 16.65
C LYS A 40 -12.16 -1.03 16.25
N THR A 41 -11.92 -0.64 15.00
CA THR A 41 -10.56 -0.43 14.51
C THR A 41 -9.86 0.71 15.23
N GLN A 42 -10.61 1.67 15.78
CA GLN A 42 -9.98 2.82 16.43
C GLN A 42 -8.94 2.39 17.47
N THR A 43 -9.22 1.33 18.24
CA THR A 43 -8.31 0.92 19.31
C THR A 43 -6.94 0.52 18.78
N LYS A 44 -6.90 -0.11 17.60
CA LYS A 44 -5.62 -0.46 16.98
C LYS A 44 -4.91 0.74 16.37
N LEU A 45 -5.58 1.89 16.28
CA LEU A 45 -5.01 3.09 15.67
C LEU A 45 -4.46 4.08 16.69
N GLU A 46 -4.91 4.00 17.95
CA GLU A 46 -4.47 4.97 18.96
C GLU A 46 -2.95 4.99 19.09
N GLN A 47 -2.32 3.83 18.93
CA GLN A 47 -0.88 3.65 18.78
C GLN A 47 -0.18 4.75 18.00
N PHE A 48 -0.78 5.19 16.90
CA PHE A 48 -0.10 6.08 15.99
C PHE A 48 -0.52 7.54 16.13
N ASN A 49 -1.44 7.85 17.03
CA ASN A 49 -1.87 9.23 17.21
C ASN A 49 -0.91 9.93 18.15
N LEU A 50 0.02 10.69 17.57
CA LEU A 50 1.04 11.37 18.35
C LEU A 50 0.60 12.76 18.79
N TYR A 51 -0.60 13.20 18.40
CA TYR A 51 -1.10 14.55 18.71
C TYR A 51 -2.58 14.51 19.09
N PRO A 52 -2.92 13.83 20.19
CA PRO A 52 -4.34 13.59 20.48
C PRO A 52 -5.16 14.86 20.71
N ASN A 53 -4.50 16.00 20.97
CA ASN A 53 -5.24 17.24 21.17
C ASN A 53 -5.62 17.90 19.83
N LEU A 54 -5.01 17.47 18.73
CA LEU A 54 -5.33 17.96 17.39
C LEU A 54 -5.93 16.90 16.48
N ILE A 55 -5.65 15.62 16.72
CA ILE A 55 -6.22 14.54 15.91
C ILE A 55 -7.28 13.84 16.76
N THR A 56 -8.54 13.99 16.38
CA THR A 56 -9.64 13.33 17.08
C THR A 56 -10.24 12.25 16.20
N PHE A 57 -10.36 11.04 16.75
CA PHE A 57 -11.00 9.94 16.05
C PHE A 57 -12.52 10.07 16.18
N TYR A 58 -13.22 9.84 15.07
CA TYR A 58 -14.68 9.78 15.05
C TYR A 58 -15.11 8.41 14.52
N PRO A 59 -15.79 7.60 15.32
CA PRO A 59 -16.12 6.24 14.90
C PRO A 59 -17.21 6.20 13.86
N LEU A 60 -17.08 5.25 12.94
CA LEU A 60 -18.12 4.92 11.98
C LEU A 60 -18.58 3.51 12.31
N ASN A 61 -19.88 3.29 12.25
CA ASN A 61 -20.42 1.94 12.35
C ASN A 61 -20.45 1.35 10.94
N VAL A 62 -19.68 0.29 10.72
CA VAL A 62 -19.64 -0.32 9.38
C VAL A 62 -20.93 -1.12 9.20
N PRO A 63 -21.83 -0.69 8.30
CA PRO A 63 -23.18 -1.26 8.27
C PRO A 63 -23.20 -2.63 7.63
N HIS A 64 -24.26 -3.37 7.95
CA HIS A 64 -24.43 -4.69 7.38
C HIS A 64 -24.72 -4.61 5.89
N VAL A 65 -24.08 -5.49 5.14
CA VAL A 65 -24.40 -5.77 3.75
C VAL A 65 -24.45 -7.27 3.63
N ASP A 66 -25.45 -7.79 2.92
CA ASP A 66 -25.62 -9.23 2.90
C ASP A 66 -24.36 -9.89 2.34
N GLY A 67 -23.81 -10.83 3.09
CA GLY A 67 -22.56 -11.48 2.75
C GLY A 67 -21.36 -10.94 3.48
N LEU A 68 -21.48 -9.80 4.14
CA LEU A 68 -20.37 -9.28 4.92
C LEU A 68 -20.29 -10.05 6.24
N PRO A 69 -19.15 -10.65 6.57
CA PRO A 69 -19.04 -11.36 7.84
C PRO A 69 -19.28 -10.42 9.02
N PHE A 70 -19.96 -10.95 10.04
CA PHE A 70 -20.41 -10.15 11.16
C PHE A 70 -19.26 -9.43 11.85
N GLY A 71 -19.41 -8.12 12.03
CA GLY A 71 -18.45 -7.33 12.76
C GLY A 71 -17.26 -6.88 11.94
N ALA A 72 -17.16 -7.31 10.70
CA ALA A 72 -16.02 -6.95 9.87
C ALA A 72 -15.96 -5.45 9.64
N GLU A 73 -14.75 -4.89 9.69
CA GLU A 73 -14.57 -3.46 9.45
C GLU A 73 -13.52 -3.12 8.40
N THR A 74 -12.56 -4.00 8.14
CA THR A 74 -11.35 -3.70 7.37
C THR A 74 -11.07 -4.86 6.42
N THR A 75 -10.32 -4.59 5.34
CA THR A 75 -9.88 -5.71 4.51
C THR A 75 -8.99 -6.69 5.26
N SER A 76 -8.44 -6.31 6.41
CA SER A 76 -7.74 -7.28 7.23
C SER A 76 -8.68 -8.28 7.89
N ASP A 77 -9.99 -8.00 7.88
CA ASP A 77 -10.98 -8.90 8.49
C ASP A 77 -11.66 -9.82 7.51
N VAL A 78 -11.51 -9.62 6.21
CA VAL A 78 -12.26 -10.38 5.23
C VAL A 78 -11.31 -10.87 4.14
N ALA A 79 -11.75 -11.91 3.44
CA ALA A 79 -11.05 -12.40 2.28
C ALA A 79 -11.11 -11.36 1.18
N ILE A 80 -10.15 -11.45 0.25
CA ILE A 80 -10.06 -10.47 -0.82
C ILE A 80 -11.33 -10.49 -1.67
N SER A 81 -11.96 -11.66 -1.83
CA SER A 81 -13.15 -11.74 -2.68
C SER A 81 -14.34 -11.00 -2.08
N LEU A 82 -14.28 -10.63 -0.80
CA LEU A 82 -15.33 -9.89 -0.13
C LEU A 82 -15.10 -8.38 -0.14
N GLY A 83 -14.01 -7.91 -0.75
CA GLY A 83 -13.74 -6.50 -0.89
C GLY A 83 -14.89 -5.69 -1.43
N PRO A 84 -15.54 -6.15 -2.50
CA PRO A 84 -16.64 -5.36 -3.07
C PRO A 84 -17.81 -5.19 -2.12
N ILE A 85 -18.07 -6.17 -1.24
CA ILE A 85 -19.15 -6.03 -0.27
C ILE A 85 -18.75 -5.01 0.80
N LEU A 86 -17.47 -4.98 1.17
CA LEU A 86 -17.01 -3.97 2.12
C LEU A 86 -17.10 -2.59 1.51
N MET A 87 -16.79 -2.44 0.20
CA MET A 87 -17.08 -1.18 -0.49
C MET A 87 -18.55 -0.78 -0.40
N THR A 88 -19.47 -1.71 -0.64
CA THR A 88 -20.88 -1.35 -0.48
C THR A 88 -21.13 -0.81 0.93
N ALA A 89 -20.50 -1.42 1.94
CA ALA A 89 -20.65 -0.95 3.31
C ALA A 89 -20.09 0.47 3.49
N MET A 90 -18.88 0.76 2.97
CA MET A 90 -18.43 2.15 2.93
C MET A 90 -19.46 3.08 2.32
N ASP A 91 -19.97 2.70 1.15
CA ASP A 91 -20.95 3.54 0.48
C ASP A 91 -22.11 3.82 1.40
N GLN A 92 -22.46 2.85 2.26
CA GLN A 92 -23.62 2.95 3.13
C GLN A 92 -23.35 3.77 4.39
N THR A 93 -22.13 4.26 4.60
CA THR A 93 -21.89 5.19 5.68
C THR A 93 -22.26 6.63 5.30
N GLN A 94 -22.86 6.84 4.11
CA GLN A 94 -23.05 8.20 3.62
C GLN A 94 -23.87 9.04 4.59
N ASN A 95 -24.92 8.46 5.18
CA ASN A 95 -25.75 9.26 6.07
C ASN A 95 -24.99 9.64 7.33
N GLN A 96 -24.17 8.75 7.86
CA GLN A 96 -23.43 9.15 9.04
C GLN A 96 -22.20 9.96 8.70
N ILE A 97 -21.72 9.95 7.44
CA ILE A 97 -20.71 10.90 7.01
C ILE A 97 -21.33 12.29 6.87
N GLU A 98 -22.50 12.35 6.24
CA GLU A 98 -23.19 13.61 5.98
C GLU A 98 -23.42 14.36 7.29
N LEU A 99 -23.78 13.63 8.34
CA LEU A 99 -24.04 14.29 9.60
C LEU A 99 -22.74 14.63 10.34
N LEU A 100 -21.67 13.89 10.08
CA LEU A 100 -20.39 14.21 10.72
C LEU A 100 -19.84 15.50 10.12
N LEU A 101 -19.97 15.66 8.80
CA LEU A 101 -19.47 16.86 8.13
C LEU A 101 -20.30 18.07 8.53
N THR A 102 -21.61 17.89 8.68
CA THR A 102 -22.45 19.04 8.93
C THR A 102 -22.19 19.61 10.32
N GLN A 103 -21.76 18.77 11.27
CA GLN A 103 -21.46 19.28 12.60
C GLN A 103 -20.00 19.65 12.81
N LEU A 104 -19.06 18.97 12.15
CA LEU A 104 -17.65 19.29 12.34
C LEU A 104 -17.19 20.42 11.43
N LYS A 105 -17.83 20.56 10.27
CA LYS A 105 -17.53 21.58 9.27
C LYS A 105 -16.02 21.73 9.02
N PRO A 106 -15.35 20.68 8.53
CA PRO A 106 -13.96 20.85 8.10
C PRO A 106 -13.92 21.69 6.84
N GLN A 107 -12.74 22.27 6.58
CA GLN A 107 -12.53 22.98 5.33
C GLN A 107 -12.33 22.02 4.14
N ILE A 108 -11.75 20.86 4.39
CA ILE A 108 -11.36 19.89 3.36
C ILE A 108 -11.62 18.51 3.92
N ILE A 109 -11.94 17.55 3.05
CA ILE A 109 -11.99 16.15 3.47
C ILE A 109 -11.15 15.34 2.49
N PHE A 110 -10.16 14.63 3.03
CA PHE A 110 -9.39 13.65 2.27
C PHE A 110 -10.21 12.36 2.21
N PHE A 111 -10.30 11.74 1.04
CA PHE A 111 -11.11 10.53 0.93
C PHE A 111 -10.54 9.55 -0.11
N ASP A 112 -11.02 8.30 0.02
CA ASP A 112 -10.84 7.19 -0.93
C ASP A 112 -12.20 6.82 -1.49
N PHE A 113 -12.24 6.44 -2.77
CA PHE A 113 -13.30 5.59 -3.33
C PHE A 113 -14.74 6.13 -3.38
N VAL A 114 -15.18 7.00 -2.47
CA VAL A 114 -16.62 7.32 -2.36
C VAL A 114 -16.93 8.51 -3.29
N PHE A 115 -17.24 8.20 -4.55
CA PHE A 115 -17.43 9.27 -5.53
C PHE A 115 -18.72 10.06 -5.32
N TRP A 116 -19.59 9.62 -4.41
CA TRP A 116 -20.77 10.39 -4.07
C TRP A 116 -20.46 11.54 -3.12
N LEU A 117 -19.24 11.62 -2.61
CA LEU A 117 -18.91 12.59 -1.56
C LEU A 117 -18.77 14.02 -2.09
N PRO A 118 -18.07 14.26 -3.21
CA PRO A 118 -17.92 15.66 -3.66
C PRO A 118 -19.23 16.40 -3.90
N LYS A 119 -20.33 15.70 -4.18
CA LYS A 119 -21.62 16.37 -4.29
C LYS A 119 -22.07 16.88 -2.92
N ILE A 120 -21.82 16.10 -1.87
CA ILE A 120 -22.20 16.51 -0.52
C ILE A 120 -21.33 17.68 -0.07
N THR A 121 -20.02 17.57 -0.27
CA THR A 121 -19.13 18.63 0.20
C THR A 121 -19.38 19.93 -0.54
N GLN A 122 -19.66 19.86 -1.84
CA GLN A 122 -19.94 21.08 -2.59
C GLN A 122 -21.17 21.78 -2.01
N ARG A 123 -22.19 21.02 -1.65
CA ARG A 123 -23.35 21.57 -0.96
C ARG A 123 -22.96 22.25 0.35
N LEU A 124 -22.01 21.70 1.09
CA LEU A 124 -21.65 22.22 2.40
C LEU A 124 -20.54 23.25 2.35
N GLY A 125 -20.03 23.59 1.17
CA GLY A 125 -18.90 24.49 1.07
C GLY A 125 -17.60 23.88 1.55
N ILE A 126 -17.47 22.55 1.49
CA ILE A 126 -16.25 21.83 1.86
C ILE A 126 -15.55 21.39 0.57
N LYS A 127 -14.22 21.50 0.54
CA LYS A 127 -13.46 21.06 -0.62
C LYS A 127 -13.20 19.56 -0.50
N SER A 128 -13.37 18.85 -1.61
CA SER A 128 -13.14 17.40 -1.63
C SER A 128 -11.75 17.13 -2.19
N PHE A 129 -11.03 16.21 -1.55
CA PHE A 129 -9.63 15.94 -1.88
C PHE A 129 -9.43 14.44 -1.94
N LEU A 130 -9.31 13.90 -3.15
CA LEU A 130 -9.11 12.48 -3.33
C LEU A 130 -7.64 12.17 -3.06
N TYR A 131 -7.34 11.49 -1.96
CA TYR A 131 -5.95 11.32 -1.52
C TYR A 131 -5.53 9.83 -1.62
N PHE A 132 -4.64 9.53 -2.57
CA PHE A 132 -4.18 8.17 -2.85
C PHE A 132 -2.89 7.86 -2.09
N ILE A 133 -2.83 6.70 -1.44
CA ILE A 133 -1.55 6.20 -0.96
C ILE A 133 -0.99 5.08 -1.86
N ILE A 134 -1.62 4.83 -3.00
CA ILE A 134 -1.04 3.93 -4.00
C ILE A 134 -0.23 4.77 -4.97
N ASN A 135 0.43 4.11 -5.92
CA ASN A 135 1.36 4.82 -6.82
C ASN A 135 0.58 5.61 -7.87
N PRO A 136 0.89 6.90 -8.09
CA PRO A 136 0.24 7.60 -9.22
C PRO A 136 0.54 6.96 -10.55
N ALA A 137 1.60 6.15 -10.64
CA ALA A 137 1.88 5.43 -11.88
C ALA A 137 0.78 4.42 -12.16
N THR A 138 0.17 3.89 -11.10
CA THR A 138 -0.89 2.90 -11.26
C THR A 138 -2.16 3.56 -11.78
N ILE A 139 -2.62 4.62 -11.12
CA ILE A 139 -3.83 5.33 -11.56
C ILE A 139 -3.65 5.85 -12.98
N SER A 140 -2.45 6.37 -13.30
CA SER A 140 -2.13 6.85 -14.64
C SER A 140 -2.27 5.75 -15.69
N TYR A 141 -1.86 4.55 -15.33
CA TYR A 141 -1.81 3.47 -16.29
C TYR A 141 -3.20 2.90 -16.59
N THR A 142 -4.09 2.88 -15.60
CA THR A 142 -5.35 2.14 -15.72
C THR A 142 -6.59 3.02 -15.76
N THR A 143 -6.51 4.26 -15.27
CA THR A 143 -7.70 5.03 -14.97
C THR A 143 -7.60 6.44 -15.55
N SER A 144 -6.62 6.69 -16.43
CA SER A 144 -6.57 7.95 -17.15
C SER A 144 -7.67 7.96 -18.21
N PRO A 145 -8.07 9.13 -18.68
CA PRO A 145 -9.22 9.22 -19.60
C PRO A 145 -9.08 8.34 -20.83
N PRO A 146 -7.89 8.23 -21.45
CA PRO A 146 -7.83 7.41 -22.67
C PRO A 146 -8.23 5.97 -22.42
N ARG A 147 -7.93 5.43 -21.23
CA ARG A 147 -8.36 4.08 -20.91
C ARG A 147 -9.87 4.00 -20.77
N MET A 148 -10.48 4.99 -20.12
CA MET A 148 -11.90 4.94 -19.81
C MET A 148 -12.77 5.07 -21.06
N PHE A 149 -12.32 5.83 -22.05
CA PHE A 149 -13.15 6.05 -23.24
C PHE A 149 -13.22 4.83 -24.12
N GLU A 150 -12.27 3.90 -23.99
CA GLU A 150 -12.44 2.65 -24.71
C GLU A 150 -13.46 1.73 -24.06
N ALA A 151 -13.91 2.06 -22.84
CA ALA A 151 -15.06 1.44 -22.18
C ALA A 151 -14.84 -0.08 -22.15
N GLU A 152 -15.80 -0.88 -22.61
CA GLU A 152 -15.64 -2.34 -22.61
C GLU A 152 -14.88 -2.86 -23.83
N ASN A 153 -14.38 -1.99 -24.69
CA ASN A 153 -13.48 -2.39 -25.77
C ASN A 153 -12.03 -2.52 -25.32
N LEU A 154 -11.71 -2.26 -24.05
CA LEU A 154 -10.34 -2.36 -23.56
C LEU A 154 -9.99 -3.82 -23.35
N THR A 155 -8.95 -4.31 -24.03
CA THR A 155 -8.55 -5.72 -23.99
C THR A 155 -7.22 -5.88 -23.25
N GLU A 156 -6.86 -7.15 -23.02
CA GLU A 156 -5.54 -7.47 -22.48
C GLU A 156 -4.42 -6.89 -23.35
N VAL A 157 -4.57 -6.95 -24.68
CA VAL A 157 -3.55 -6.40 -25.54
C VAL A 157 -3.45 -4.89 -25.35
N ASP A 158 -4.58 -4.23 -25.20
CA ASP A 158 -4.61 -2.80 -24.88
C ASP A 158 -3.80 -2.50 -23.63
N LEU A 159 -3.94 -3.33 -22.61
CA LEU A 159 -3.30 -3.07 -21.33
C LEU A 159 -1.83 -3.49 -21.31
N MET A 160 -1.33 -4.09 -22.40
CA MET A 160 0.10 -4.37 -22.50
C MET A 160 0.90 -3.14 -22.88
N LYS A 161 0.26 -2.08 -23.37
CA LYS A 161 0.97 -0.84 -23.62
C LYS A 161 0.39 0.27 -22.75
N PRO A 162 1.17 1.30 -22.46
CA PRO A 162 0.65 2.41 -21.64
C PRO A 162 -0.36 3.23 -22.42
N PRO A 163 -1.22 3.96 -21.74
CA PRO A 163 -2.16 4.85 -22.44
C PRO A 163 -1.42 6.02 -23.07
N LYS A 164 -2.10 6.69 -24.01
CA LYS A 164 -1.47 7.78 -24.75
C LYS A 164 -0.98 8.87 -23.80
N GLY A 165 0.27 9.30 -24.02
CA GLY A 165 0.88 10.34 -23.21
C GLY A 165 1.58 9.86 -21.95
N TYR A 166 1.45 8.60 -21.59
CA TYR A 166 2.09 8.06 -20.39
C TYR A 166 3.58 8.40 -20.39
N PRO A 167 4.13 8.86 -19.27
CA PRO A 167 5.49 9.43 -19.28
C PRO A 167 6.62 8.40 -19.24
N THR A 168 6.32 7.12 -19.14
CA THR A 168 7.33 6.15 -18.73
C THR A 168 7.07 4.82 -19.43
N SER A 169 8.11 3.98 -19.51
CA SER A 169 8.02 2.68 -20.18
C SER A 169 8.37 1.55 -19.22
N PHE A 170 7.47 0.58 -19.09
CA PHE A 170 7.79 -0.70 -18.46
C PHE A 170 6.92 -1.79 -19.08
N ASN A 171 7.26 -3.03 -18.76
CA ASN A 171 6.70 -4.18 -19.44
C ASN A 171 5.86 -4.99 -18.46
N LEU A 172 4.62 -5.30 -18.85
CA LEU A 172 3.80 -6.23 -18.11
C LEU A 172 3.87 -7.60 -18.75
N GLN A 173 3.63 -8.63 -17.94
CA GLN A 173 3.52 -9.98 -18.48
C GLN A 173 2.07 -10.22 -18.90
N SER A 174 1.90 -11.20 -19.81
CA SER A 174 0.57 -11.51 -20.34
C SER A 174 -0.46 -11.72 -19.23
N HIS A 175 -0.13 -12.55 -18.24
CA HIS A 175 -1.12 -12.82 -17.20
C HIS A 175 -1.47 -11.55 -16.41
N GLU A 176 -0.55 -10.60 -16.33
CA GLU A 176 -0.81 -9.36 -15.62
C GLU A 176 -1.78 -8.48 -16.39
N ALA A 177 -1.54 -8.34 -17.70
CA ALA A 177 -2.46 -7.56 -18.51
C ALA A 177 -3.85 -8.20 -18.57
N LYS A 178 -3.92 -9.55 -18.56
CA LYS A 178 -5.22 -10.23 -18.46
C LYS A 178 -5.92 -9.90 -17.17
N HIS A 179 -5.16 -9.92 -16.06
CA HIS A 179 -5.72 -9.55 -14.76
C HIS A 179 -6.31 -8.16 -14.78
N LEU A 180 -5.56 -7.19 -15.28
CA LEU A 180 -6.05 -5.80 -15.31
C LEU A 180 -7.25 -5.67 -16.25
N ALA A 181 -7.24 -6.38 -17.38
CA ALA A 181 -8.35 -6.27 -18.33
C ALA A 181 -9.64 -6.82 -17.74
N SER A 182 -9.57 -7.88 -16.96
CA SER A 182 -10.80 -8.46 -16.42
C SER A 182 -11.27 -7.78 -15.13
N THR A 183 -10.36 -7.56 -14.16
CA THR A 183 -10.78 -7.09 -12.85
C THR A 183 -11.31 -5.66 -12.89
N ARG A 184 -10.78 -4.87 -13.81
CA ARG A 184 -11.26 -3.55 -14.16
C ARG A 184 -12.79 -3.42 -14.25
N LYS A 185 -13.44 -4.45 -14.81
CA LYS A 185 -14.88 -4.49 -15.04
C LYS A 185 -15.70 -5.02 -13.88
N ILE A 186 -15.07 -5.69 -12.92
CA ILE A 186 -15.81 -6.33 -11.84
C ILE A 186 -16.38 -5.26 -10.92
N GLU A 187 -17.62 -5.47 -10.48
CA GLU A 187 -18.26 -4.52 -9.57
C GLU A 187 -17.45 -4.45 -8.28
N PHE A 188 -17.22 -3.22 -7.81
CA PHE A 188 -16.56 -3.00 -6.52
C PHE A 188 -17.45 -2.04 -5.73
N GLY A 189 -18.47 -2.60 -5.08
CA GLY A 189 -19.37 -1.81 -4.27
C GLY A 189 -20.54 -1.20 -5.00
N SER A 190 -21.76 -1.50 -4.54
CA SER A 190 -22.97 -0.80 -4.98
C SER A 190 -23.15 -0.88 -6.48
N GLY A 191 -22.70 -1.95 -7.11
CA GLY A 191 -22.95 -2.11 -8.52
C GLY A 191 -22.02 -1.38 -9.46
N ILE A 192 -20.96 -0.75 -8.98
CA ILE A 192 -20.11 0.11 -9.81
C ILE A 192 -18.87 -0.65 -10.22
N PRO A 193 -18.58 -0.76 -11.52
CA PRO A 193 -17.31 -1.39 -11.94
C PRO A 193 -16.11 -0.67 -11.33
N PHE A 194 -15.10 -1.45 -10.99
CA PHE A 194 -13.95 -0.95 -10.22
C PHE A 194 -13.33 0.30 -10.84
N SER A 195 -12.96 0.25 -12.13
CA SER A 195 -12.26 1.41 -12.67
C SER A 195 -13.21 2.59 -12.84
N VAL A 196 -14.49 2.33 -13.13
CA VAL A 196 -15.46 3.42 -13.21
C VAL A 196 -15.55 4.16 -11.87
N ARG A 197 -15.55 3.43 -10.76
CA ARG A 197 -15.57 4.08 -9.45
C ARG A 197 -14.42 5.06 -9.28
N SER A 198 -13.19 4.62 -9.55
CA SER A 198 -12.06 5.50 -9.33
C SER A 198 -12.08 6.66 -10.32
N TYR A 199 -12.54 6.39 -11.52
CA TYR A 199 -12.65 7.44 -12.52
C TYR A 199 -13.69 8.47 -12.11
N ASN A 200 -14.83 8.02 -11.58
CA ASN A 200 -15.82 8.94 -11.02
C ASN A 200 -15.19 9.81 -9.92
N CYS A 201 -14.37 9.22 -9.04
CA CYS A 201 -13.71 10.00 -7.99
C CYS A 201 -12.79 11.05 -8.59
N LEU A 202 -11.90 10.63 -9.49
CA LEU A 202 -10.99 11.56 -10.15
C LEU A 202 -11.74 12.70 -10.84
N SER A 203 -12.86 12.39 -11.50
CA SER A 203 -13.59 13.37 -12.30
C SER A 203 -14.36 14.37 -11.44
N LEU A 204 -14.92 13.94 -10.31
CA LEU A 204 -15.83 14.78 -9.53
C LEU A 204 -15.15 15.54 -8.39
N THR A 205 -14.00 15.07 -7.91
CA THR A 205 -13.34 15.72 -6.78
C THR A 205 -12.84 17.11 -7.16
N ASP A 206 -12.67 17.96 -6.15
CA ASP A 206 -12.10 19.29 -6.40
C ASP A 206 -10.61 19.19 -6.73
N ALA A 207 -9.86 18.40 -5.97
CA ALA A 207 -8.44 18.24 -6.23
C ALA A 207 -8.03 16.81 -5.88
N ILE A 208 -6.83 16.44 -6.30
CA ILE A 208 -6.28 15.10 -6.12
C ILE A 208 -4.94 15.21 -5.42
N GLY A 209 -4.60 14.22 -4.61
CA GLY A 209 -3.26 14.12 -4.04
C GLY A 209 -2.78 12.69 -3.97
N PHE A 210 -1.46 12.55 -3.97
CA PHE A 210 -0.78 11.27 -3.82
C PHE A 210 0.34 11.37 -2.80
N LYS A 211 0.55 10.27 -2.09
CA LYS A 211 1.82 9.99 -1.44
C LYS A 211 2.93 10.03 -2.49
N GLY A 212 4.03 10.69 -2.20
CA GLY A 212 5.17 10.67 -3.12
C GLY A 212 5.93 11.98 -3.12
N CYS A 213 7.01 11.99 -3.91
CA CYS A 213 7.83 13.19 -4.10
C CYS A 213 8.08 13.43 -5.59
N ARG A 214 8.45 14.67 -5.93
CA ARG A 214 8.67 15.02 -7.33
C ARG A 214 9.71 14.10 -7.97
N GLU A 215 10.76 13.77 -7.21
CA GLU A 215 11.89 13.05 -7.76
C GLU A 215 11.51 11.67 -8.27
N ILE A 216 10.42 11.10 -7.79
CA ILE A 216 10.02 9.74 -8.19
C ILE A 216 8.64 9.76 -8.82
N GLU A 217 7.64 10.23 -8.06
CA GLU A 217 6.26 10.26 -8.53
C GLU A 217 5.96 11.42 -9.49
N GLY A 218 6.81 12.44 -9.52
CA GLY A 218 6.62 13.62 -10.34
C GLY A 218 6.02 13.45 -11.72
N PRO A 219 6.61 12.59 -12.57
CA PRO A 219 6.07 12.48 -13.95
C PRO A 219 4.64 12.00 -14.02
N TYR A 220 4.21 11.17 -13.06
CA TYR A 220 2.85 10.62 -13.11
C TYR A 220 1.84 11.65 -12.62
N VAL A 221 2.19 12.37 -11.56
CA VAL A 221 1.35 13.47 -11.09
C VAL A 221 1.22 14.55 -12.18
N ASP A 222 2.31 14.85 -12.90
CA ASP A 222 2.21 15.81 -13.99
C ASP A 222 1.27 15.33 -15.10
N TYR A 223 1.40 14.05 -15.48
CA TYR A 223 0.50 13.47 -16.47
C TYR A 223 -0.95 13.56 -16.02
N LEU A 224 -1.23 13.23 -14.76
CA LEU A 224 -2.61 13.24 -14.26
C LEU A 224 -3.17 14.67 -14.16
N GLN A 225 -2.34 15.63 -13.79
CA GLN A 225 -2.80 17.02 -13.78
C GLN A 225 -3.13 17.50 -15.20
N GLU A 226 -2.30 17.13 -16.17
CA GLU A 226 -2.59 17.48 -17.55
C GLU A 226 -3.89 16.83 -18.02
N GLN A 227 -4.11 15.56 -17.65
CA GLN A 227 -5.27 14.82 -18.14
C GLN A 227 -6.57 15.30 -17.50
N PHE A 228 -6.58 15.43 -16.18
CA PHE A 228 -7.81 15.76 -15.48
C PHE A 228 -7.98 17.26 -15.22
N GLY A 229 -6.97 18.08 -15.53
CA GLY A 229 -7.12 19.53 -15.51
C GLY A 229 -7.37 20.18 -14.16
N LYS A 230 -7.04 19.51 -13.07
CA LYS A 230 -7.21 20.03 -11.73
C LYS A 230 -5.93 19.73 -10.96
N PRO A 231 -5.75 20.34 -9.79
CA PRO A 231 -4.48 20.14 -9.08
C PRO A 231 -4.30 18.71 -8.63
N VAL A 232 -3.10 18.18 -8.87
CA VAL A 232 -2.72 16.86 -8.39
C VAL A 232 -1.52 17.09 -7.50
N LEU A 233 -1.73 16.97 -6.19
CA LEU A 233 -0.72 17.36 -5.21
C LEU A 233 0.11 16.14 -4.78
N LEU A 234 1.30 16.43 -4.22
CA LEU A 234 2.17 15.44 -3.59
C LEU A 234 2.30 15.76 -2.11
N SER A 235 2.03 14.77 -1.25
CA SER A 235 2.15 14.96 0.19
C SER A 235 3.59 14.84 0.69
N GLY A 236 4.52 14.45 -0.16
CA GLY A 236 5.74 13.86 0.34
C GLY A 236 5.58 12.36 0.51
N PRO A 237 6.67 11.67 0.81
CA PRO A 237 6.68 10.19 0.78
C PRO A 237 6.07 9.50 1.99
N VAL A 238 5.47 10.27 2.90
CA VAL A 238 4.81 9.78 4.12
C VAL A 238 5.77 8.85 4.85
N LEU A 239 6.90 9.41 5.26
CA LEU A 239 7.86 8.66 6.06
C LEU A 239 7.17 8.16 7.32
N PRO A 240 7.30 6.87 7.66
CA PRO A 240 6.62 6.36 8.85
C PRO A 240 7.06 7.11 10.09
N GLU A 241 6.09 7.43 10.94
CA GLU A 241 6.35 8.06 12.23
C GLU A 241 6.57 6.97 13.29
N GLN A 242 7.14 7.39 14.42
CA GLN A 242 7.48 6.43 15.46
C GLN A 242 6.23 6.07 16.28
N SER A 243 6.05 4.77 16.54
CA SER A 243 4.89 4.38 17.33
C SER A 243 5.16 4.59 18.82
N LYS A 244 4.07 4.68 19.58
CA LYS A 244 4.18 4.78 21.02
C LYS A 244 4.42 3.44 21.71
N THR A 245 4.53 2.37 20.92
CA THR A 245 4.65 1.00 21.41
C THR A 245 6.00 0.46 20.97
N ALA A 246 6.83 0.02 21.91
CA ALA A 246 8.13 -0.52 21.57
C ALA A 246 8.00 -1.93 20.96
N LEU A 247 9.09 -2.41 20.36
CA LEU A 247 9.09 -3.72 19.71
C LEU A 247 8.85 -4.83 20.71
N ASP A 248 7.81 -5.63 20.46
CA ASP A 248 7.46 -6.77 21.30
C ASP A 248 8.72 -7.54 21.72
N GLU A 249 8.87 -7.71 23.04
CA GLU A 249 10.09 -8.33 23.57
C GLU A 249 10.33 -9.71 22.97
N LYS A 250 9.26 -10.41 22.61
CA LYS A 250 9.43 -11.77 22.10
C LYS A 250 10.08 -11.76 20.72
N TRP A 251 9.76 -10.79 19.88
CA TRP A 251 10.43 -10.68 18.59
C TRP A 251 11.81 -10.04 18.74
N GLY A 252 11.92 -9.02 19.59
CA GLY A 252 13.22 -8.39 19.79
C GLY A 252 14.25 -9.39 20.28
N SER A 253 13.84 -10.26 21.20
CA SER A 253 14.74 -11.27 21.75
C SER A 253 15.18 -12.28 20.69
N TRP A 254 14.24 -12.75 19.88
CA TRP A 254 14.54 -13.76 18.88
C TRP A 254 15.38 -13.19 17.75
N LEU A 255 14.99 -12.02 17.24
CA LEU A 255 15.76 -11.35 16.20
C LEU A 255 17.18 -11.08 16.67
N GLY A 256 17.34 -10.69 17.94
CA GLY A 256 18.65 -10.36 18.50
C GLY A 256 19.61 -11.53 18.54
N GLY A 257 19.11 -12.76 18.44
CA GLY A 257 19.99 -13.91 18.37
C GLY A 257 20.73 -14.11 17.06
N PHE A 258 20.45 -13.33 16.03
CA PHE A 258 21.08 -13.56 14.73
C PHE A 258 22.11 -12.48 14.43
N LYS A 259 23.13 -12.90 13.69
CA LYS A 259 24.14 -12.00 13.16
C LYS A 259 23.50 -10.83 12.40
N ASP A 260 24.12 -9.66 12.51
CA ASP A 260 23.68 -8.47 11.78
C ASP A 260 23.53 -8.74 10.30
N GLY A 261 22.37 -8.32 9.74
CA GLY A 261 22.08 -8.45 8.32
C GLY A 261 22.00 -9.86 7.77
N SER A 262 21.81 -10.86 8.63
CA SER A 262 21.78 -12.23 8.14
C SER A 262 20.38 -12.79 7.88
N LEU A 263 19.34 -12.13 8.41
CA LEU A 263 17.99 -12.66 8.42
C LEU A 263 17.16 -12.15 7.24
N VAL A 264 16.35 -13.03 6.66
CA VAL A 264 15.45 -12.69 5.56
C VAL A 264 14.04 -12.51 6.13
N TYR A 265 13.50 -11.30 6.02
CA TYR A 265 12.13 -11.03 6.46
C TYR A 265 11.21 -11.06 5.24
N CYS A 266 10.13 -11.83 5.34
CA CYS A 266 9.19 -11.95 4.22
C CYS A 266 7.77 -11.68 4.71
N ALA A 267 7.08 -10.77 4.04
CA ALA A 267 5.70 -10.48 4.44
C ALA A 267 4.94 -9.95 3.24
N LEU A 268 3.67 -10.34 3.14
CA LEU A 268 2.84 -9.99 2.00
C LEU A 268 1.62 -9.19 2.44
N GLY A 269 1.80 -8.30 3.42
CA GLY A 269 0.75 -7.40 3.86
C GLY A 269 -0.31 -8.15 4.68
N SER A 270 -1.46 -7.50 4.85
CA SER A 270 -2.49 -8.06 5.73
C SER A 270 -3.77 -8.41 5.01
N GLU A 271 -3.81 -8.38 3.68
CA GLU A 271 -5.06 -8.58 2.97
C GLU A 271 -5.12 -9.89 2.20
N LEU A 272 -4.01 -10.60 2.07
CA LEU A 272 -3.90 -11.64 1.05
C LEU A 272 -3.58 -12.98 1.68
N LYS A 273 -4.05 -14.04 1.02
CA LYS A 273 -3.71 -15.42 1.31
C LYS A 273 -3.15 -16.05 0.05
N LEU A 274 -1.98 -16.66 0.13
CA LEU A 274 -1.45 -17.43 -1.00
C LEU A 274 -2.28 -18.71 -1.21
N LYS A 275 -2.25 -19.22 -2.44
CA LYS A 275 -2.64 -20.61 -2.68
C LYS A 275 -1.57 -21.53 -2.13
N GLN A 276 -1.98 -22.76 -1.78
CA GLN A 276 -1.06 -23.66 -1.10
C GLN A 276 0.22 -23.90 -1.89
N ASP A 277 0.12 -24.08 -3.21
CA ASP A 277 1.32 -24.48 -3.95
C ASP A 277 2.36 -23.36 -3.92
N GLN A 278 1.92 -22.10 -4.01
CA GLN A 278 2.87 -20.99 -3.98
C GLN A 278 3.34 -20.69 -2.56
N PHE A 279 2.49 -21.00 -1.57
CA PHE A 279 2.92 -20.99 -0.17
C PHE A 279 4.08 -21.96 0.02
N HIS A 280 3.93 -23.19 -0.50
CA HIS A 280 5.01 -24.17 -0.40
C HIS A 280 6.26 -23.70 -1.14
N GLU A 281 6.11 -23.22 -2.37
CA GLU A 281 7.31 -22.82 -3.13
C GLU A 281 8.03 -21.68 -2.43
N LEU A 282 7.29 -20.71 -1.92
CA LEU A 282 7.93 -19.58 -1.23
C LEU A 282 8.72 -20.06 0.00
N LEU A 283 8.10 -20.91 0.81
CA LEU A 283 8.78 -21.32 2.05
C LEU A 283 9.97 -22.22 1.76
N LEU A 284 9.81 -23.16 0.82
CA LEU A 284 10.95 -24.00 0.44
C LEU A 284 12.07 -23.16 -0.15
N GLY A 285 11.72 -22.09 -0.87
CA GLY A 285 12.74 -21.21 -1.44
C GLY A 285 13.51 -20.46 -0.38
N LEU A 286 12.81 -19.98 0.67
CA LEU A 286 13.51 -19.39 1.79
C LEU A 286 14.43 -20.40 2.46
N GLU A 287 13.94 -21.62 2.64
CA GLU A 287 14.74 -22.67 3.27
C GLU A 287 16.00 -22.96 2.48
N LEU A 288 15.89 -23.01 1.14
CA LEU A 288 17.02 -23.31 0.28
C LEU A 288 18.17 -22.31 0.45
N THR A 289 17.87 -21.08 0.85
CA THR A 289 18.93 -20.08 1.00
C THR A 289 19.86 -20.42 2.15
N GLY A 290 19.35 -21.13 3.15
CA GLY A 290 20.11 -21.38 4.36
C GLY A 290 20.21 -20.22 5.31
N PHE A 291 19.62 -19.07 4.96
CA PHE A 291 19.62 -17.95 5.89
C PHE A 291 18.50 -18.10 6.92
N PRO A 292 18.67 -17.55 8.11
CA PRO A 292 17.52 -17.43 9.01
C PRO A 292 16.46 -16.57 8.34
N PHE A 293 15.20 -16.84 8.69
CA PHE A 293 14.10 -16.12 8.06
C PHE A 293 12.90 -16.01 8.99
N LEU A 294 12.13 -14.95 8.78
CA LEU A 294 10.85 -14.72 9.42
C LEU A 294 9.84 -14.43 8.31
N ALA A 295 8.85 -15.31 8.16
CA ALA A 295 7.81 -15.17 7.14
C ALA A 295 6.47 -14.89 7.81
N ILE A 296 5.90 -13.73 7.52
CA ILE A 296 4.63 -13.30 8.09
C ILE A 296 3.57 -13.54 7.02
N LEU A 297 2.85 -14.64 7.15
CA LEU A 297 1.94 -15.11 6.10
C LEU A 297 0.66 -15.63 6.72
N LYS A 298 -0.46 -15.40 6.03
CA LYS A 298 -1.69 -16.07 6.43
C LYS A 298 -1.65 -17.51 5.93
N PRO A 299 -2.33 -18.43 6.62
CA PRO A 299 -2.43 -19.79 6.09
C PRO A 299 -3.02 -19.76 4.70
N PRO A 300 -2.60 -20.66 3.82
CA PRO A 300 -3.02 -20.59 2.42
C PRO A 300 -4.50 -20.89 2.29
N VAL A 301 -5.03 -20.59 1.10
CA VAL A 301 -6.43 -20.85 0.79
C VAL A 301 -6.76 -22.31 1.12
N GLY A 302 -7.86 -22.50 1.85
CA GLY A 302 -8.31 -23.80 2.23
C GLY A 302 -7.82 -24.27 3.58
N PHE A 303 -6.84 -23.56 4.17
CA PHE A 303 -6.19 -23.98 5.40
C PHE A 303 -6.44 -22.93 6.49
N GLU A 304 -6.50 -23.39 7.75
CA GLU A 304 -6.78 -22.51 8.87
C GLU A 304 -5.60 -22.30 9.82
N THR A 305 -4.55 -23.11 9.71
CA THR A 305 -3.35 -22.95 10.52
C THR A 305 -2.12 -23.04 9.63
N ILE A 306 -1.05 -22.39 10.08
CA ILE A 306 0.23 -22.49 9.39
C ILE A 306 0.76 -23.92 9.45
N GLU A 307 0.68 -24.51 10.64
CA GLU A 307 1.11 -25.89 10.91
C GLU A 307 0.64 -26.86 9.83
N ASP A 308 -0.68 -26.88 9.61
CA ASP A 308 -1.29 -27.83 8.68
C ASP A 308 -0.78 -27.65 7.26
N ALA A 309 -0.38 -26.43 6.89
CA ALA A 309 -0.06 -26.12 5.51
C ALA A 309 1.43 -26.23 5.18
N LEU A 310 2.27 -26.34 6.20
CA LEU A 310 3.71 -26.36 5.98
C LEU A 310 4.11 -27.58 5.17
N PRO A 311 5.13 -27.45 4.31
CA PRO A 311 5.62 -28.63 3.57
C PRO A 311 6.10 -29.72 4.52
N GLU A 312 5.97 -30.97 4.07
CA GLU A 312 6.29 -32.08 4.95
C GLU A 312 7.74 -32.01 5.43
N GLY A 313 7.95 -32.18 6.75
CA GLY A 313 9.26 -32.13 7.35
C GLY A 313 9.86 -30.75 7.53
N PHE A 314 9.13 -29.70 7.14
CA PHE A 314 9.68 -28.34 7.12
C PHE A 314 10.11 -27.87 8.51
N LYS A 315 9.19 -27.96 9.48
CA LYS A 315 9.51 -27.59 10.87
C LYS A 315 10.76 -28.28 11.38
N GLU A 316 10.83 -29.60 11.19
CA GLU A 316 11.94 -30.37 11.72
C GLU A 316 13.25 -29.98 11.06
N ARG A 317 13.19 -29.53 9.82
CA ARG A 317 14.41 -29.18 9.10
C ARG A 317 14.89 -27.78 9.51
N VAL A 318 13.99 -26.80 9.50
CA VAL A 318 14.44 -25.43 9.68
C VAL A 318 14.73 -25.14 11.16
N LYS A 319 14.13 -25.89 12.08
CA LYS A 319 14.48 -25.85 13.51
C LYS A 319 14.29 -24.43 14.02
N GLU A 320 15.31 -23.79 14.60
CA GLU A 320 15.19 -22.45 15.16
C GLU A 320 15.68 -21.36 14.21
N LYS A 321 16.07 -21.71 12.98
CA LYS A 321 16.51 -20.73 12.00
C LYS A 321 15.36 -20.02 11.31
N GLY A 322 14.15 -20.59 11.35
CA GLY A 322 13.04 -20.00 10.62
C GLY A 322 11.72 -20.06 11.34
N ILE A 323 10.95 -18.99 11.26
CA ILE A 323 9.61 -18.92 11.83
C ILE A 323 8.64 -18.49 10.76
N VAL A 324 7.51 -19.19 10.66
CA VAL A 324 6.39 -18.80 9.82
C VAL A 324 5.25 -18.47 10.77
N HIS A 325 4.72 -17.24 10.68
CA HIS A 325 3.85 -16.66 11.70
C HIS A 325 2.69 -15.96 11.01
N SER A 326 1.45 -16.21 11.45
CA SER A 326 0.30 -15.59 10.79
C SER A 326 -0.27 -14.35 11.51
N GLY A 327 0.15 -14.02 12.70
CA GLY A 327 -0.41 -12.86 13.37
C GLY A 327 0.14 -11.52 12.89
N TRP A 328 -0.61 -10.45 13.18
CA TRP A 328 -0.15 -9.07 12.96
C TRP A 328 1.11 -8.78 13.78
N ILE A 329 2.15 -8.25 13.15
CA ILE A 329 3.36 -7.89 13.88
C ILE A 329 3.72 -6.44 13.59
N GLN A 330 4.72 -5.92 14.31
CA GLN A 330 5.17 -4.53 14.14
C GLN A 330 6.20 -4.47 13.02
N GLN A 331 5.69 -4.50 11.78
CA GLN A 331 6.57 -4.64 10.62
C GLN A 331 7.62 -3.52 10.57
N GLN A 332 7.18 -2.28 10.76
CA GLN A 332 8.11 -1.16 10.68
C GLN A 332 9.25 -1.33 11.66
N LEU A 333 8.95 -1.80 12.88
CA LEU A 333 10.00 -1.99 13.87
C LEU A 333 10.87 -3.18 13.53
N ILE A 334 10.31 -4.22 12.92
CA ILE A 334 11.14 -5.35 12.52
C ILE A 334 12.09 -4.96 11.38
N LEU A 335 11.59 -4.22 10.39
CA LEU A 335 12.45 -3.81 9.29
C LEU A 335 13.62 -2.93 9.76
N GLU A 336 13.49 -2.28 10.91
CA GLU A 336 14.59 -1.48 11.46
C GLU A 336 15.58 -2.30 12.26
N HIS A 337 15.28 -3.56 12.53
CA HIS A 337 16.17 -4.35 13.38
C HIS A 337 17.43 -4.73 12.61
N PRO A 338 18.62 -4.59 13.23
CA PRO A 338 19.86 -4.83 12.46
C PRO A 338 20.02 -6.26 11.96
N SER A 339 19.24 -7.22 12.46
CA SER A 339 19.38 -8.57 11.95
C SER A 339 18.87 -8.71 10.52
N VAL A 340 17.98 -7.82 10.08
CA VAL A 340 17.26 -8.02 8.83
C VAL A 340 18.18 -7.59 7.68
N GLY A 341 18.57 -8.55 6.84
CA GLY A 341 19.38 -8.25 5.69
C GLY A 341 18.63 -8.20 4.37
N CYS A 342 17.41 -8.74 4.35
CA CYS A 342 16.66 -8.92 3.11
C CYS A 342 15.17 -8.83 3.43
N PHE A 343 14.43 -8.10 2.58
CA PHE A 343 12.98 -7.97 2.70
C PHE A 343 12.38 -8.53 1.42
N VAL A 344 11.69 -9.67 1.52
CA VAL A 344 10.90 -10.21 0.42
C VAL A 344 9.49 -9.66 0.57
N THR A 345 9.09 -8.79 -0.36
CA THR A 345 7.90 -7.97 -0.18
C THR A 345 6.92 -8.19 -1.32
N HIS A 346 5.62 -8.13 -1.00
CA HIS A 346 4.57 -8.17 -2.00
C HIS A 346 4.41 -6.84 -2.74
N CYS A 347 5.21 -5.84 -2.41
CA CYS A 347 5.27 -4.56 -3.11
C CYS A 347 4.03 -3.70 -2.87
N GLY A 348 3.34 -3.93 -1.74
CA GLY A 348 2.41 -2.91 -1.26
C GLY A 348 3.13 -1.59 -1.04
N ALA A 349 2.43 -0.49 -1.34
CA ALA A 349 3.06 0.81 -1.31
C ALA A 349 3.62 1.16 0.07
N GLY A 350 2.99 0.67 1.13
CA GLY A 350 3.42 0.99 2.48
C GLY A 350 4.69 0.24 2.83
N SER A 351 4.69 -1.05 2.52
CA SER A 351 5.86 -1.91 2.69
C SER A 351 7.04 -1.41 1.86
N ILE A 352 6.78 -0.95 0.64
CA ILE A 352 7.85 -0.37 -0.19
C ILE A 352 8.53 0.78 0.53
N THR A 353 7.74 1.74 1.04
CA THR A 353 8.33 2.87 1.74
C THR A 353 9.14 2.40 2.94
N GLU A 354 8.60 1.44 3.69
CA GLU A 354 9.26 0.97 4.91
C GLU A 354 10.56 0.24 4.59
N GLY A 355 10.62 -0.47 3.45
CA GLY A 355 11.89 -1.08 3.04
C GLY A 355 12.88 -0.06 2.51
N LEU A 356 12.41 0.90 1.74
CA LEU A 356 13.31 1.88 1.14
C LEU A 356 14.04 2.70 2.21
N VAL A 357 13.36 3.05 3.31
CA VAL A 357 14.00 3.90 4.31
C VAL A 357 14.92 3.11 5.23
N ASN A 358 15.02 1.81 5.04
CA ASN A 358 15.88 0.95 5.85
C ASN A 358 17.00 0.37 4.99
N ASN A 359 17.82 -0.49 5.60
CA ASN A 359 19.02 -0.96 4.93
C ASN A 359 18.83 -2.29 4.19
N CYS A 360 17.72 -2.99 4.42
CA CYS A 360 17.48 -4.33 3.87
C CYS A 360 17.52 -4.35 2.34
N GLN A 361 18.16 -5.39 1.79
CA GLN A 361 18.07 -5.64 0.36
C GLN A 361 16.63 -6.01 0.03
N MET A 362 16.13 -5.51 -1.08
CA MET A 362 14.74 -5.68 -1.52
C MET A 362 14.64 -6.84 -2.51
N VAL A 363 13.80 -7.83 -2.21
CA VAL A 363 13.40 -8.85 -3.19
C VAL A 363 11.93 -8.65 -3.46
N LEU A 364 11.57 -8.54 -4.75
CA LEU A 364 10.25 -8.10 -5.15
C LEU A 364 9.41 -9.30 -5.56
N LEU A 365 8.34 -9.56 -4.80
CA LEU A 365 7.40 -10.66 -5.05
C LEU A 365 5.98 -10.10 -5.19
N PRO A 366 5.75 -9.23 -6.16
CA PRO A 366 4.44 -8.57 -6.25
C PRO A 366 3.32 -9.58 -6.38
N GLN A 367 2.25 -9.35 -5.63
CA GLN A 367 1.10 -10.22 -5.79
C GLN A 367 0.16 -9.59 -6.83
N LEU A 368 -0.91 -10.32 -7.15
CA LEU A 368 -1.67 -10.05 -8.37
C LEU A 368 -2.62 -8.88 -8.13
N ASN A 369 -2.09 -7.68 -8.35
CA ASN A 369 -2.74 -6.42 -8.04
C ASN A 369 -1.99 -5.37 -8.85
N GLY A 370 -2.72 -4.48 -9.53
CA GLY A 370 -2.07 -3.50 -10.40
C GLY A 370 -1.03 -2.64 -9.69
N ASP A 371 -1.34 -2.17 -8.48
CA ASP A 371 -0.36 -1.33 -7.78
C ASP A 371 0.89 -2.14 -7.39
N TYR A 372 0.73 -3.38 -6.91
CA TYR A 372 1.90 -4.17 -6.55
C TYR A 372 2.79 -4.43 -7.74
N ILE A 373 2.18 -4.76 -8.89
CA ILE A 373 2.95 -5.07 -10.09
C ILE A 373 3.68 -3.83 -10.58
N ILE A 374 2.98 -2.71 -10.68
CA ILE A 374 3.61 -1.49 -11.17
C ILE A 374 4.69 -1.01 -10.19
N ASN A 375 4.43 -1.09 -8.89
CA ASN A 375 5.49 -0.82 -7.91
C ASN A 375 6.70 -1.71 -8.18
N ALA A 376 6.46 -3.01 -8.45
CA ALA A 376 7.59 -3.93 -8.63
C ALA A 376 8.41 -3.58 -9.87
N ARG A 377 7.75 -3.21 -10.97
CA ARG A 377 8.47 -2.81 -12.19
C ARG A 377 9.26 -1.52 -11.96
N ILE A 378 8.65 -0.53 -11.32
CA ILE A 378 9.38 0.72 -11.06
C ILE A 378 10.57 0.45 -10.17
N MET A 379 10.38 -0.37 -9.12
CA MET A 379 11.44 -0.61 -8.17
C MET A 379 12.55 -1.46 -8.80
N GLY A 380 12.16 -2.42 -9.63
CA GLY A 380 13.12 -3.33 -10.22
C GLY A 380 13.81 -2.79 -11.46
N ARG A 381 13.10 -2.02 -12.28
CA ARG A 381 13.60 -1.60 -13.59
C ARG A 381 13.93 -0.12 -13.69
N HIS A 382 13.25 0.76 -12.94
CA HIS A 382 13.56 2.18 -13.00
C HIS A 382 14.51 2.59 -11.88
N LEU A 383 14.07 2.48 -10.63
CA LEU A 383 14.94 2.78 -9.50
C LEU A 383 16.05 1.73 -9.37
N LYS A 384 15.78 0.49 -9.79
CA LYS A 384 16.71 -0.65 -9.70
C LYS A 384 17.23 -0.83 -8.28
N VAL A 385 16.29 -0.83 -7.33
CA VAL A 385 16.61 -0.98 -5.91
C VAL A 385 16.32 -2.38 -5.40
N GLY A 386 15.82 -3.27 -6.26
CA GLY A 386 15.54 -4.62 -5.82
C GLY A 386 15.57 -5.56 -7.01
N VAL A 387 15.52 -6.86 -6.69
CA VAL A 387 15.50 -7.94 -7.68
C VAL A 387 14.13 -8.62 -7.63
N GLU A 388 13.48 -8.75 -8.79
CA GLU A 388 12.14 -9.33 -8.81
C GLU A 388 12.22 -10.83 -9.08
N VAL A 389 11.43 -11.59 -8.34
CA VAL A 389 11.32 -13.03 -8.53
C VAL A 389 10.57 -13.29 -9.83
N LYS A 390 11.13 -14.13 -10.68
CA LYS A 390 10.54 -14.46 -11.98
C LYS A 390 9.23 -15.25 -11.82
N LYS A 391 8.18 -14.82 -12.55
CA LYS A 391 6.90 -15.53 -12.66
C LYS A 391 6.72 -16.09 -14.07
N GLY A 392 5.93 -17.15 -14.19
CA GLY A 392 5.60 -17.66 -15.52
C GLY A 392 4.81 -16.62 -16.30
N GLU A 393 5.16 -16.49 -17.60
CA GLU A 393 4.56 -15.43 -18.41
C GLU A 393 3.03 -15.53 -18.44
N GLU A 394 2.50 -16.75 -18.59
CA GLU A 394 1.07 -16.95 -18.73
C GLU A 394 0.41 -17.42 -17.43
N ASP A 395 1.14 -18.16 -16.57
CA ASP A 395 0.49 -18.72 -15.38
C ASP A 395 0.72 -17.91 -14.11
N GLY A 396 1.63 -16.93 -14.13
CA GLY A 396 1.84 -16.07 -12.96
C GLY A 396 2.35 -16.76 -11.71
N LEU A 397 2.97 -17.93 -11.86
CA LEU A 397 3.48 -18.72 -10.74
C LEU A 397 5.00 -18.64 -10.69
N PHE A 398 5.57 -18.78 -9.49
CA PHE A 398 7.01 -18.83 -9.34
C PHE A 398 7.43 -20.18 -8.78
N THR A 399 8.69 -20.51 -9.00
CA THR A 399 9.32 -21.71 -8.44
C THR A 399 10.09 -21.36 -7.18
N LYS A 400 10.28 -22.37 -6.34
CA LYS A 400 11.17 -22.25 -5.20
C LYS A 400 12.59 -21.86 -5.61
N GLU A 401 13.06 -22.34 -6.78
CA GLU A 401 14.39 -21.95 -7.22
C GLU A 401 14.49 -20.46 -7.56
N SER A 402 13.41 -19.85 -8.08
CA SER A 402 13.46 -18.44 -8.40
C SER A 402 13.46 -17.58 -7.15
N VAL A 403 12.77 -18.02 -6.10
CA VAL A 403 12.83 -17.33 -4.81
C VAL A 403 14.24 -17.41 -4.24
N TYR A 404 14.77 -18.62 -4.19
CA TYR A 404 16.12 -18.86 -3.73
C TYR A 404 17.12 -17.98 -4.47
N GLU A 405 17.00 -17.96 -5.80
CA GLU A 405 17.97 -17.22 -6.61
C GLU A 405 17.98 -15.74 -6.27
N ALA A 406 16.79 -15.13 -6.20
CA ALA A 406 16.70 -13.70 -5.97
C ALA A 406 17.29 -13.32 -4.62
N VAL A 407 16.98 -14.10 -3.58
CA VAL A 407 17.51 -13.80 -2.25
C VAL A 407 19.02 -14.02 -2.23
N LYS A 408 19.49 -15.10 -2.84
CA LYS A 408 20.91 -15.38 -2.89
C LYS A 408 21.68 -14.24 -3.56
N ILE A 409 21.14 -13.70 -4.65
CA ILE A 409 21.78 -12.62 -5.39
C ILE A 409 21.96 -11.39 -4.51
N VAL A 410 20.89 -10.99 -3.81
CA VAL A 410 20.99 -9.74 -3.07
C VAL A 410 21.78 -9.94 -1.78
N MET A 411 21.83 -11.15 -1.25
CA MET A 411 22.53 -11.40 0.01
C MET A 411 24.03 -11.63 -0.19
N ASP A 412 24.45 -11.94 -1.42
CA ASP A 412 25.85 -12.24 -1.73
C ASP A 412 26.64 -10.95 -1.87
N ASP A 413 27.51 -10.68 -0.90
CA ASP A 413 28.33 -9.48 -0.89
C ASP A 413 29.18 -9.36 -2.15
N GLU A 414 29.47 -10.46 -2.81
CA GLU A 414 30.35 -10.45 -3.96
C GLU A 414 29.60 -10.45 -5.28
N ASN A 415 28.27 -10.48 -5.25
CA ASN A 415 27.44 -10.49 -6.44
C ASN A 415 27.23 -9.05 -6.94
N GLU A 416 27.57 -8.81 -8.21
CA GLU A 416 27.56 -7.43 -8.70
C GLU A 416 26.15 -6.87 -8.81
N ILE A 417 25.17 -7.72 -9.14
CA ILE A 417 23.78 -7.25 -9.17
C ILE A 417 23.32 -6.90 -7.77
N GLY A 418 23.65 -7.74 -6.78
CA GLY A 418 23.38 -7.41 -5.39
C GLY A 418 24.03 -6.12 -4.95
N ARG A 419 25.30 -5.91 -5.35
CA ARG A 419 25.97 -4.66 -5.01
C ARG A 419 25.32 -3.46 -5.70
N GLU A 420 24.90 -3.63 -6.95
CA GLU A 420 24.18 -2.57 -7.66
C GLU A 420 22.88 -2.18 -6.96
N VAL A 421 22.02 -3.16 -6.62
CA VAL A 421 20.76 -2.77 -6.02
C VAL A 421 20.99 -2.19 -4.63
N ARG A 422 22.02 -2.66 -3.90
CA ARG A 422 22.32 -2.02 -2.61
C ARG A 422 22.68 -0.57 -2.81
N SER A 423 23.55 -0.29 -3.79
CA SER A 423 23.98 1.07 -4.07
C SER A 423 22.81 1.96 -4.48
N ASN A 424 21.93 1.47 -5.37
CA ASN A 424 20.77 2.24 -5.78
C ASN A 424 19.77 2.43 -4.65
N HIS A 425 19.58 1.40 -3.83
CA HIS A 425 18.72 1.56 -2.65
C HIS A 425 19.27 2.67 -1.73
N THR A 426 20.58 2.64 -1.50
CA THR A 426 21.19 3.70 -0.71
C THR A 426 20.90 5.08 -1.28
N LYS A 427 20.99 5.24 -2.62
CA LYS A 427 20.71 6.53 -3.22
C LYS A 427 19.27 6.97 -2.97
N VAL A 428 18.31 6.06 -3.16
CA VAL A 428 16.91 6.38 -2.93
C VAL A 428 16.66 6.66 -1.44
N ARG A 429 17.24 5.87 -0.55
CA ARG A 429 17.08 6.13 0.88
C ARG A 429 17.62 7.51 1.25
N ASN A 430 18.83 7.84 0.78
CA ASN A 430 19.39 9.16 1.04
C ASN A 430 18.50 10.27 0.50
N LEU A 431 17.83 10.05 -0.64
CA LEU A 431 16.88 11.05 -1.11
C LEU A 431 15.67 11.15 -0.18
N LEU A 432 14.99 10.03 0.09
CA LEU A 432 13.76 10.08 0.87
C LEU A 432 14.00 10.66 2.26
N LEU A 433 15.15 10.35 2.85
CA LEU A 433 15.48 10.83 4.20
C LEU A 433 16.22 12.15 4.22
N ARG A 434 16.49 12.75 3.06
CA ARG A 434 17.19 14.03 3.01
C ARG A 434 16.53 15.03 3.96
N HIS A 435 17.36 15.78 4.69
CA HIS A 435 16.84 16.61 5.79
C HIS A 435 15.70 17.54 5.35
N ASP A 436 15.68 17.98 4.10
CA ASP A 436 14.66 18.92 3.64
C ASP A 436 13.68 18.32 2.63
N LEU A 437 13.74 17.03 2.36
CA LEU A 437 12.88 16.49 1.30
C LEU A 437 11.43 16.42 1.76
N GLU A 438 11.15 15.69 2.84
CA GLU A 438 9.74 15.57 3.22
C GLU A 438 9.19 16.93 3.65
N SER A 439 10.00 17.73 4.36
CA SER A 439 9.49 19.00 4.87
C SER A 439 9.15 19.94 3.72
N SER A 440 9.98 19.99 2.66
CA SER A 440 9.66 20.88 1.56
C SER A 440 8.50 20.34 0.72
N CYS A 441 8.33 19.02 0.66
CA CYS A 441 7.12 18.46 0.08
C CYS A 441 5.89 18.95 0.85
N LEU A 442 5.94 18.85 2.17
CA LEU A 442 4.80 19.28 2.98
C LEU A 442 4.61 20.80 2.91
N ASP A 443 5.70 21.57 2.79
CA ASP A 443 5.55 23.01 2.61
C ASP A 443 4.66 23.30 1.40
N THR A 444 5.05 22.76 0.25
CA THR A 444 4.27 22.95 -0.98
C THR A 444 2.87 22.39 -0.84
N PHE A 445 2.75 21.18 -0.28
CA PHE A 445 1.45 20.53 -0.05
C PHE A 445 0.51 21.45 0.71
N CYS A 446 0.98 22.02 1.82
CA CYS A 446 0.10 22.86 2.62
C CYS A 446 -0.21 24.19 1.93
N GLU A 447 0.72 24.77 1.16
CA GLU A 447 0.37 25.97 0.41
C GLU A 447 -0.70 25.68 -0.62
N LYS A 448 -0.62 24.53 -1.29
CA LYS A 448 -1.62 24.20 -2.30
C LYS A 448 -2.96 23.86 -1.66
N LEU A 449 -2.96 23.30 -0.44
CA LEU A 449 -4.22 23.11 0.26
C LEU A 449 -4.83 24.45 0.64
N GLN A 450 -3.99 25.39 1.07
CA GLN A 450 -4.48 26.72 1.39
C GLN A 450 -5.10 27.38 0.15
N GLU A 451 -4.44 27.23 -1.00
CA GLU A 451 -5.00 27.72 -2.26
C GLU A 451 -6.37 27.09 -2.51
N LEU A 452 -6.50 25.79 -2.23
CA LEU A 452 -7.74 25.08 -2.51
C LEU A 452 -8.90 25.68 -1.72
N VAL A 453 -8.68 26.03 -0.45
CA VAL A 453 -9.77 26.57 0.36
C VAL A 453 -9.88 28.08 0.26
N SER A 454 -9.04 28.70 -0.56
CA SER A 454 -9.09 30.15 -0.76
C SER A 454 -10.18 30.52 -1.74
#